data_4GLX
#
_entry.id   4GLX
#
_cell.length_a   110.990
_cell.length_b   100.140
_cell.length_c   86.570
_cell.angle_alpha   90.000
_cell.angle_beta   105.500
_cell.angle_gamma   90.000
#
_symmetry.space_group_name_H-M   'C 1 2 1'
#
loop_
_entity.id
_entity.type
_entity.pdbx_description
1 polymer 'DNA (26-MER)'
2 polymer "DNA (5'-D(*AP*CP*AP*AP*TP*TP*GP*CP*GP*AP*CP*CP*C)-3')"
3 polymer "DNA (5'-D(P*CP*AP*CP*TP*AP*TP*CP*GP*GP*AP*AP*TP*G)-3')"
4 polymer 'DNA ligase'
5 non-polymer 'ZINC ION'
6 non-polymer 'SULFATE ION'
7 non-polymer 2-amino-6-bromo-7-(trifluoromethyl)-1,8-naphthyridine-3-carboxamide
8 water water
#
loop_
_entity_poly.entity_id
_entity_poly.type
_entity_poly.pdbx_seq_one_letter_code
_entity_poly.pdbx_strand_id
1 'polydeoxyribonucleotide'
;(DC)(DA)(DT)(DT)(DC)(DC)(DG)(DA)(DT)(DA)(DG)(DT)(DG)(DG)(DG)(DG)(DT)(DC)(DG)(DC)
(DA)(DA)(DT)(DT)(DG)(DT)
;
B
2 'polydeoxyribonucleotide' (DA)(DC)(DA)(DA)(DT)(DT)(DG)(DC)(DG)(DA)(DC)(DC)(DC) C
3 'polydeoxyribonucleotide' (DC)(DA)(DC)(DT)(DA)(DT)(DC)(DG)(DG)(DA)(DA)(DT)(DG) D
4 'polypeptide(L)'
;MESIEQQLTELRTTLRHHEYLYHVMDAPEIPDAEYDRLMRELRELETKHPELITPDSPTQRVGAAPLAAFSQIRHEVPML
SLDNVFDEESFLAFNKRVQDRLKNNEKVTWCCELKLDGLAVSILYENGVLVSAATRGDGTTGEDITSNVRTIRAIPLKLH
GENIPARLEVRGEVFLPQAGFEKINEDARRTGGKVFANPRNAAAGSLRQLDPRITAKRPLTFFCYGVGVLEGGELPDTHL
GRLLQFKKWGLPVSDRVTLCESAEEVLAFYHKVEEDRPTLGFDIDGVVIKVNSLAQQEQLGFVARAPRWAVAFKFPAQEQ
MTFVRDVEFQVGRTGAITPVARLEPVHVAGVLVSNATLHNADEIERLGLRIGDKVVIRRAGDVIPQVVNVVLSERPEDTR
EVVFPTHCPVCGSDVERVEGEAVARCTGGLICGAQRKESLKHFVSRRAMDVDGMGDKIIDQLVEKEYVHTPADLFKLTAG
KLTGLERMGPKSAQNVVNALEKAKETTFARFLYALGIREVGEATAAGLAAYFGTLEALEAASIEELQKVPDVGIVVASHV
HNFFAEESNRNVISELLAEGVHWPAP
;
A
#
# COMPACT_ATOMS: atom_id res chain seq x y z
N SER D 3 29.93 -23.66 -3.96
CA SER D 3 31.04 -22.88 -4.61
C SER D 3 30.39 -21.80 -5.43
N ILE D 4 31.16 -20.75 -5.73
CA ILE D 4 30.65 -19.59 -6.48
C ILE D 4 30.67 -19.82 -8.01
N GLU D 5 31.66 -20.58 -8.49
CA GLU D 5 31.60 -21.04 -9.87
C GLU D 5 30.33 -21.94 -10.02
N GLN D 6 30.12 -22.91 -9.13
CA GLN D 6 28.89 -23.74 -9.15
C GLN D 6 27.60 -22.87 -9.09
N GLN D 7 27.63 -21.79 -8.31
CA GLN D 7 26.48 -20.90 -8.09
C GLN D 7 26.09 -20.14 -9.37
N LEU D 8 27.07 -19.57 -10.04
CA LEU D 8 26.85 -18.89 -11.30
C LEU D 8 26.31 -19.80 -12.40
N THR D 9 26.89 -20.99 -12.61
CA THR D 9 26.37 -21.82 -13.72
C THR D 9 24.93 -22.24 -13.44
N GLU D 10 24.62 -22.61 -12.20
CA GLU D 10 23.29 -23.05 -11.86
C GLU D 10 22.25 -21.99 -12.22
N LEU D 11 22.53 -20.75 -11.83
CA LEU D 11 21.72 -19.59 -12.20
C LEU D 11 21.66 -19.39 -13.71
N ARG D 12 22.79 -19.45 -14.39
CA ARG D 12 22.84 -19.13 -15.84
C ARG D 12 22.10 -20.16 -16.66
N THR D 13 22.22 -21.45 -16.28
CA THR D 13 21.53 -22.59 -16.88
C THR D 13 19.98 -22.52 -16.76
N THR D 14 19.43 -22.24 -15.57
CA THR D 14 18.00 -22.07 -15.48
C THR D 14 17.47 -20.88 -16.26
N LEU D 15 18.19 -19.75 -16.22
CA LEU D 15 17.84 -18.59 -17.06
C LEU D 15 17.84 -18.97 -18.55
N ARG D 16 18.89 -19.61 -19.04
CA ARG D 16 18.85 -20.02 -20.46
C ARG D 16 17.85 -21.15 -20.80
N HIS D 17 17.52 -22.01 -19.83
CA HIS D 17 16.38 -22.95 -19.97
C HIS D 17 15.09 -22.20 -20.19
N HIS D 18 14.80 -21.20 -19.36
CA HIS D 18 13.58 -20.42 -19.49
C HIS D 18 13.48 -19.73 -20.83
N GLU D 19 14.60 -19.22 -21.34
CA GLU D 19 14.62 -18.47 -22.60
C GLU D 19 14.42 -19.44 -23.76
N TYR D 20 14.95 -20.62 -23.60
CA TYR D 20 14.83 -21.63 -24.65
C TYR D 20 13.41 -22.17 -24.63
N LEU D 21 12.82 -22.40 -23.45
CA LEU D 21 11.41 -22.81 -23.45
C LEU D 21 10.52 -21.75 -24.12
N TYR D 22 10.87 -20.47 -23.90
CA TYR D 22 10.15 -19.32 -24.44
C TYR D 22 10.22 -19.19 -26.00
N HIS D 23 11.43 -19.33 -26.55
CA HIS D 23 11.60 -19.34 -28.01
C HIS D 23 10.91 -20.46 -28.67
N VAL D 24 10.95 -21.65 -28.06
CA VAL D 24 10.40 -22.93 -28.58
C VAL D 24 8.88 -23.00 -28.54
N MET D 25 8.25 -22.31 -27.60
CA MET D 25 6.82 -22.28 -27.57
C MET D 25 6.37 -21.03 -28.29
N ASP D 26 7.32 -20.25 -28.81
CA ASP D 26 6.98 -18.97 -29.45
C ASP D 26 5.94 -18.25 -28.60
N ALA D 27 6.13 -18.36 -27.26
CA ALA D 27 5.32 -17.75 -26.15
C ALA D 27 5.31 -16.19 -26.16
N PRO D 28 4.27 -15.54 -25.61
CA PRO D 28 4.30 -14.06 -25.65
C PRO D 28 5.23 -13.45 -24.56
N GLU D 29 5.62 -14.28 -23.60
CA GLU D 29 6.45 -13.92 -22.41
C GLU D 29 6.79 -15.19 -21.62
N ILE D 30 7.95 -15.15 -20.94
CA ILE D 30 8.27 -16.09 -19.87
C ILE D 30 7.27 -15.77 -18.76
N PRO D 31 6.23 -16.62 -18.58
CA PRO D 31 5.19 -16.38 -17.57
C PRO D 31 5.61 -16.73 -16.12
N ASP D 32 6.83 -17.21 -15.91
CA ASP D 32 7.28 -17.68 -14.61
C ASP D 32 8.00 -16.54 -13.89
N ALA D 33 7.55 -16.18 -12.69
CA ALA D 33 8.22 -15.18 -11.82
C ALA D 33 9.68 -15.57 -11.43
N GLU D 34 9.96 -16.89 -11.36
CA GLU D 34 11.31 -17.43 -11.15
C GLU D 34 12.34 -16.63 -11.95
N TYR D 35 11.99 -16.30 -13.19
CA TYR D 35 12.97 -15.75 -14.10
C TYR D 35 13.48 -14.37 -13.70
N ASP D 36 12.57 -13.42 -13.44
CA ASP D 36 13.04 -12.08 -13.00
C ASP D 36 13.79 -12.21 -11.66
N ARG D 37 13.33 -13.13 -10.79
CA ARG D 37 14.03 -13.41 -9.53
C ARG D 37 15.46 -13.90 -9.76
N LEU D 38 15.59 -14.93 -10.59
CA LEU D 38 16.93 -15.48 -10.88
C LEU D 38 17.87 -14.49 -11.52
N MET D 39 17.35 -13.67 -12.44
CA MET D 39 18.10 -12.53 -12.99
C MET D 39 18.58 -11.60 -11.84
N ARG D 40 17.72 -11.35 -10.85
CA ARG D 40 18.16 -10.56 -9.72
C ARG D 40 19.30 -11.30 -8.95
N GLU D 41 19.11 -12.57 -8.62
CA GLU D 41 20.11 -13.35 -7.87
C GLU D 41 21.42 -13.39 -8.61
N LEU D 42 21.38 -13.47 -9.93
CA LEU D 42 22.59 -13.57 -10.75
C LEU D 42 23.35 -12.22 -10.83
N ARG D 43 22.63 -11.11 -11.03
CA ARG D 43 23.24 -9.78 -10.89
C ARG D 43 23.92 -9.58 -9.54
N GLU D 44 23.27 -10.02 -8.47
CA GLU D 44 23.87 -9.80 -7.15
C GLU D 44 25.19 -10.52 -7.03
N LEU D 45 25.15 -11.81 -7.28
CA LEU D 45 26.30 -12.67 -7.28
C LEU D 45 27.40 -12.16 -8.22
N GLU D 46 27.05 -11.67 -9.42
CA GLU D 46 28.06 -11.22 -10.40
C GLU D 46 28.76 -9.89 -10.06
N THR D 47 28.02 -9.05 -9.38
CA THR D 47 28.53 -7.74 -8.96
C THR D 47 29.47 -7.97 -7.83
N LYS D 48 29.05 -8.86 -6.93
CA LYS D 48 29.88 -9.38 -5.84
C LYS D 48 31.16 -10.03 -6.36
N HIS D 49 31.13 -10.81 -7.46
CA HIS D 49 32.36 -11.37 -8.10
C HIS D 49 32.60 -10.96 -9.54
N PRO D 50 32.92 -9.69 -9.78
CA PRO D 50 32.93 -9.10 -11.15
C PRO D 50 33.88 -9.76 -12.20
N GLU D 51 34.99 -10.35 -11.73
CA GLU D 51 35.88 -11.12 -12.58
C GLU D 51 35.21 -12.38 -13.18
N LEU D 52 34.37 -13.07 -12.40
CA LEU D 52 33.64 -14.25 -12.90
C LEU D 52 32.46 -13.98 -13.91
N ILE D 53 32.24 -12.73 -14.34
CA ILE D 53 31.17 -12.40 -15.31
C ILE D 53 31.64 -12.92 -16.66
N THR D 54 30.76 -13.54 -17.44
CA THR D 54 31.14 -14.08 -18.76
C THR D 54 30.44 -13.21 -19.81
N PRO D 55 31.06 -13.08 -21.03
CA PRO D 55 30.55 -12.19 -22.08
C PRO D 55 29.14 -12.52 -22.49
N ASP D 56 28.79 -13.81 -22.52
CA ASP D 56 27.44 -14.24 -22.93
C ASP D 56 26.53 -14.64 -21.76
N SER D 57 26.88 -14.13 -20.57
CA SER D 57 26.00 -14.26 -19.40
C SER D 57 24.66 -13.58 -19.67
N PRO D 58 23.58 -14.22 -19.25
CA PRO D 58 22.26 -13.60 -19.49
C PRO D 58 22.17 -12.06 -19.13
N THR D 59 22.99 -11.59 -18.20
CA THR D 59 22.94 -10.16 -17.76
C THR D 59 23.65 -9.23 -18.74
N GLN D 60 24.35 -9.84 -19.69
CA GLN D 60 25.09 -9.14 -20.67
C GLN D 60 24.27 -8.97 -21.97
N ARG D 61 23.03 -9.47 -22.02
CA ARG D 61 22.13 -9.38 -23.22
C ARG D 61 22.16 -8.02 -23.92
N PRO D 66 13.08 -10.80 -23.81
CA PRO D 66 11.90 -11.64 -23.52
C PRO D 66 11.10 -11.04 -22.39
N LEU D 67 9.86 -10.64 -22.62
CA LEU D 67 9.03 -10.10 -21.54
C LEU D 67 8.89 -11.20 -20.49
N ALA D 68 8.99 -10.85 -19.18
CA ALA D 68 8.74 -11.84 -18.11
C ALA D 68 7.80 -11.29 -17.05
N ALA D 69 7.07 -12.21 -16.38
CA ALA D 69 6.08 -11.90 -15.36
C ALA D 69 6.84 -11.20 -14.25
N PHE D 70 6.17 -10.30 -13.53
CA PHE D 70 6.83 -9.52 -12.45
C PHE D 70 7.03 -10.42 -11.24
N SER D 71 8.24 -10.41 -10.66
CA SER D 71 8.39 -10.98 -9.30
C SER D 71 8.44 -9.92 -8.16
N GLN D 72 8.83 -10.37 -6.96
CA GLN D 72 8.79 -9.60 -5.71
C GLN D 72 10.10 -9.48 -4.99
N ILE D 73 10.24 -8.48 -4.15
CA ILE D 73 11.53 -8.16 -3.53
C ILE D 73 11.15 -7.84 -2.09
N ARG D 74 11.83 -8.43 -1.13
CA ARG D 74 11.52 -8.14 0.27
C ARG D 74 12.44 -7.01 0.68
N HIS D 75 11.91 -6.05 1.42
CA HIS D 75 12.75 -5.03 2.03
C HIS D 75 12.86 -5.34 3.50
N GLU D 76 13.98 -5.87 3.94
CA GLU D 76 14.32 -5.94 5.35
C GLU D 76 14.17 -4.57 6.08
N VAL D 77 14.62 -3.46 5.49
CA VAL D 77 14.22 -2.19 6.09
C VAL D 77 12.89 -1.72 5.50
N PRO D 78 11.81 -1.66 6.33
CA PRO D 78 10.46 -1.32 5.90
C PRO D 78 10.44 -0.03 5.13
N MET D 79 9.51 0.10 4.18
CA MET D 79 9.25 1.39 3.54
C MET D 79 7.90 1.81 4.10
N LEU D 80 7.88 2.84 4.95
CA LEU D 80 6.60 3.12 5.59
C LEU D 80 5.94 4.41 4.98
N SER D 81 4.95 4.92 5.68
CA SER D 81 4.12 5.98 5.21
C SER D 81 4.53 7.24 5.95
N LEU D 82 3.95 8.39 5.63
CA LEU D 82 4.21 9.60 6.41
C LEU D 82 2.89 10.02 7.05
N ASP D 83 2.87 10.23 8.37
CA ASP D 83 1.74 10.98 8.96
C ASP D 83 1.63 12.43 8.44
N ASN D 84 0.40 12.92 8.28
CA ASN D 84 0.14 14.18 7.64
C ASN D 84 -0.11 15.27 8.63
N VAL D 85 0.27 16.48 8.32
CA VAL D 85 -0.31 17.62 9.05
C VAL D 85 -0.85 18.57 8.04
N PHE D 86 -1.94 19.28 8.37
CA PHE D 86 -2.62 20.12 7.38
C PHE D 86 -2.55 21.61 7.68
N ASP D 87 -2.03 21.99 8.84
CA ASP D 87 -1.96 23.41 9.10
C ASP D 87 -0.87 23.70 10.10
N GLU D 88 -0.59 25.00 10.21
CA GLU D 88 0.43 25.51 11.08
C GLU D 88 0.27 25.06 12.54
N GLU D 89 -0.92 25.19 13.13
CA GLU D 89 -1.06 24.66 14.50
C GLU D 89 -0.81 23.12 14.63
N SER D 90 -1.18 22.31 13.65
CA SER D 90 -0.87 20.87 13.74
C SER D 90 0.63 20.62 13.60
N PHE D 91 1.35 21.44 12.80
CA PHE D 91 2.81 21.31 12.74
C PHE D 91 3.46 21.60 14.10
N LEU D 92 2.98 22.70 14.73
CA LEU D 92 3.46 23.09 16.05
C LEU D 92 3.29 21.95 17.09
N ALA D 93 2.22 21.18 16.97
CA ALA D 93 1.95 20.07 17.88
C ALA D 93 2.87 18.91 17.52
N PHE D 94 3.18 18.79 16.21
CA PHE D 94 4.22 17.84 15.77
C PHE D 94 5.53 18.24 16.42
N ASN D 95 5.94 19.47 16.22
CA ASN D 95 7.20 19.99 16.79
C ASN D 95 7.31 19.67 18.30
N LYS D 96 6.26 20.04 19.07
CA LYS D 96 6.25 19.79 20.53
C LYS D 96 6.37 18.29 20.86
N ARG D 97 5.71 17.46 20.08
CA ARG D 97 5.85 16.03 20.32
C ARG D 97 7.27 15.56 20.14
N VAL D 98 7.98 16.11 19.15
CA VAL D 98 9.38 15.76 18.95
C VAL D 98 10.22 16.23 20.14
N GLN D 99 10.14 17.52 20.46
CA GLN D 99 10.90 18.09 21.56
C GLN D 99 10.65 17.24 22.81
N ASP D 100 9.36 17.08 23.18
CA ASP D 100 8.95 16.35 24.40
C ASP D 100 9.46 14.90 24.46
N ARG D 101 9.48 14.13 23.36
CA ARG D 101 10.16 12.82 23.39
C ARG D 101 11.65 13.03 23.15
N THR D 109 17.28 20.11 14.22
CA THR D 109 17.37 20.76 12.92
C THR D 109 16.46 20.00 11.93
N TRP D 110 15.66 20.76 11.17
CA TRP D 110 14.66 20.19 10.25
C TRP D 110 15.24 20.22 8.88
N CYS D 111 15.28 19.08 8.18
CA CYS D 111 15.55 19.03 6.76
C CYS D 111 14.16 19.03 6.12
N CYS D 112 14.00 20.00 5.22
CA CYS D 112 12.73 20.40 4.61
C CYS D 112 12.74 20.15 3.12
N GLU D 113 11.80 19.33 2.62
CA GLU D 113 11.87 18.82 1.20
C GLU D 113 10.50 18.92 0.57
N LEU D 114 10.50 19.06 -0.75
CA LEU D 114 9.31 18.99 -1.57
C LEU D 114 8.76 17.58 -1.47
N LYS D 115 7.42 17.45 -1.42
CA LYS D 115 6.83 16.10 -1.47
C LYS D 115 6.40 15.85 -2.92
N LEU D 116 7.24 15.12 -3.63
CA LEU D 116 7.01 14.81 -4.97
C LEU D 116 5.83 13.88 -5.13
N ASP D 117 4.94 14.23 -6.07
CA ASP D 117 3.77 13.39 -6.30
C ASP D 117 4.00 12.29 -7.39
N GLY D 118 4.51 11.14 -6.99
CA GLY D 118 4.87 10.07 -7.90
C GLY D 118 4.59 8.76 -7.20
N LEU D 119 5.52 7.80 -7.29
CA LEU D 119 5.47 6.65 -6.42
C LEU D 119 6.83 6.42 -5.88
N ALA D 120 6.87 5.75 -4.74
CA ALA D 120 8.10 5.42 -4.03
C ALA D 120 8.74 4.22 -4.67
N VAL D 121 10.04 4.34 -4.86
CA VAL D 121 10.88 3.27 -5.35
C VAL D 121 12.12 3.14 -4.48
N SER D 122 12.53 1.89 -4.27
CA SER D 122 13.73 1.59 -3.56
C SER D 122 14.76 0.91 -4.51
N ILE D 123 15.96 1.45 -4.63
CA ILE D 123 16.98 0.97 -5.63
C ILE D 123 18.24 0.47 -4.89
N LEU D 124 18.63 -0.78 -5.11
CA LEU D 124 19.71 -1.35 -4.36
C LEU D 124 20.93 -1.32 -5.29
N TYR D 125 21.98 -0.64 -4.81
CA TYR D 125 23.28 -0.63 -5.46
C TYR D 125 24.24 -1.50 -4.66
N GLU D 126 24.93 -2.40 -5.33
CA GLU D 126 25.88 -3.25 -4.65
C GLU D 126 27.16 -2.98 -5.32
N ASN D 127 28.15 -2.69 -4.48
CA ASN D 127 29.35 -2.04 -4.89
C ASN D 127 29.15 -0.97 -5.96
N GLY D 128 28.13 -0.12 -5.82
CA GLY D 128 27.94 0.94 -6.78
C GLY D 128 27.25 0.53 -8.07
N VAL D 129 26.84 -0.74 -8.18
CA VAL D 129 26.22 -1.21 -9.41
C VAL D 129 24.73 -1.40 -9.13
N LEU D 130 23.87 -0.72 -9.89
CA LEU D 130 22.40 -0.89 -9.72
C LEU D 130 21.96 -2.36 -9.88
N VAL D 131 21.35 -2.97 -8.85
CA VAL D 131 21.02 -4.40 -8.98
C VAL D 131 19.50 -4.75 -9.01
N SER D 132 18.67 -3.98 -8.29
CA SER D 132 17.23 -4.24 -8.30
C SER D 132 16.55 -2.90 -7.99
N ALA D 133 15.26 -2.81 -8.28
CA ALA D 133 14.48 -1.68 -7.82
C ALA D 133 13.16 -2.29 -7.51
N ALA D 134 12.53 -1.82 -6.44
CA ALA D 134 11.22 -2.36 -6.05
C ALA D 134 10.26 -1.22 -5.65
N THR D 135 8.94 -1.48 -5.79
CA THR D 135 7.92 -0.60 -5.19
C THR D 135 7.79 -0.89 -3.72
N ARG D 136 7.06 -0.01 -3.03
CA ARG D 136 6.71 -0.15 -1.62
C ARG D 136 5.93 -1.42 -1.17
N GLY D 137 5.02 -1.91 -2.00
CA GLY D 137 4.10 -2.99 -1.58
C GLY D 137 3.45 -2.69 -0.24
N ASP D 138 3.49 -3.63 0.69
CA ASP D 138 2.81 -3.46 1.96
C ASP D 138 3.81 -2.94 2.99
N GLY D 139 4.94 -2.41 2.53
CA GLY D 139 6.03 -2.02 3.43
C GLY D 139 7.16 -3.06 3.55
N THR D 140 6.83 -4.35 3.58
CA THR D 140 7.84 -5.42 3.63
C THR D 140 8.20 -6.02 2.30
N THR D 141 7.20 -6.27 1.47
CA THR D 141 7.40 -7.00 0.22
C THR D 141 6.83 -6.18 -0.92
N GLY D 142 7.67 -5.87 -1.89
CA GLY D 142 7.24 -5.06 -3.04
C GLY D 142 7.43 -5.77 -4.36
N GLU D 143 7.13 -5.07 -5.45
CA GLU D 143 7.13 -5.63 -6.80
C GLU D 143 8.51 -5.41 -7.38
N ASP D 144 9.10 -6.38 -8.04
CA ASP D 144 10.41 -6.10 -8.64
C ASP D 144 10.19 -5.31 -9.94
N ILE D 145 10.65 -4.08 -9.98
CA ILE D 145 10.43 -3.28 -11.19
C ILE D 145 11.73 -2.84 -11.82
N THR D 146 12.75 -3.62 -11.61
CA THR D 146 14.13 -3.23 -12.02
C THR D 146 14.20 -2.82 -13.48
N SER D 147 13.52 -3.61 -14.31
CA SER D 147 13.68 -3.51 -15.79
C SER D 147 13.11 -2.19 -16.24
N ASN D 148 12.03 -1.79 -15.58
CA ASN D 148 11.42 -0.53 -15.91
C ASN D 148 12.33 0.58 -15.41
N VAL D 149 12.87 0.40 -14.20
CA VAL D 149 13.71 1.44 -13.56
C VAL D 149 14.99 1.66 -14.32
N ARG D 150 15.58 0.58 -14.84
CA ARG D 150 16.80 0.73 -15.64
C ARG D 150 16.56 1.74 -16.77
N THR D 151 15.30 1.98 -17.17
CA THR D 151 15.06 2.79 -18.34
C THR D 151 15.07 4.26 -18.00
N ILE D 152 15.11 4.59 -16.72
CA ILE D 152 14.85 5.97 -16.34
C ILE D 152 16.17 6.76 -16.44
N ARG D 153 16.20 7.77 -17.33
CA ARG D 153 17.46 8.43 -17.68
C ARG D 153 18.15 8.98 -16.46
N ALA D 154 17.38 9.57 -15.54
CA ALA D 154 18.00 10.22 -14.37
C ALA D 154 18.62 9.30 -13.31
N ILE D 155 18.33 8.00 -13.33
CA ILE D 155 18.88 6.99 -12.40
C ILE D 155 20.10 6.21 -12.95
N PRO D 156 21.28 6.51 -12.47
CA PRO D 156 22.45 5.81 -13.03
C PRO D 156 22.55 4.28 -12.73
N LEU D 157 22.98 3.56 -13.77
CA LEU D 157 23.28 2.14 -13.59
C LEU D 157 24.49 1.93 -12.69
N LYS D 158 25.32 2.96 -12.55
CA LYS D 158 26.56 2.77 -11.85
C LYS D 158 26.89 4.04 -11.04
N LEU D 159 27.14 3.92 -9.74
CA LEU D 159 27.59 5.09 -8.98
C LEU D 159 29.07 5.42 -9.34
N HIS D 160 29.52 6.65 -9.13
CA HIS D 160 30.95 6.98 -9.39
C HIS D 160 31.48 7.83 -8.28
N GLY D 161 32.65 7.50 -7.73
CA GLY D 161 33.22 8.33 -6.68
C GLY D 161 33.78 7.54 -5.52
N GLU D 162 33.94 8.18 -4.37
CA GLU D 162 34.64 7.54 -3.28
C GLU D 162 33.76 7.00 -2.22
N ASN D 163 34.25 6.00 -1.52
CA ASN D 163 33.57 5.46 -0.32
C ASN D 163 32.11 5.05 -0.62
N ILE D 164 31.94 4.52 -1.83
CA ILE D 164 30.68 3.95 -2.21
C ILE D 164 30.49 2.68 -1.32
N PRO D 165 29.32 2.55 -0.66
CA PRO D 165 29.11 1.45 0.29
C PRO D 165 29.07 0.11 -0.45
N ALA D 166 29.40 -0.96 0.26
CA ALA D 166 29.24 -2.29 -0.25
C ALA D 166 27.77 -2.53 -0.65
N ARG D 167 26.80 -2.13 0.19
CA ARG D 167 25.35 -2.20 -0.10
C ARG D 167 24.73 -0.84 0.26
N LEU D 168 24.09 -0.18 -0.71
CA LEU D 168 23.34 1.08 -0.52
C LEU D 168 21.96 0.99 -1.21
N GLU D 169 20.90 1.08 -0.43
CA GLU D 169 19.53 1.07 -0.96
C GLU D 169 19.07 2.50 -0.97
N VAL D 170 18.88 3.03 -2.14
CA VAL D 170 18.49 4.40 -2.26
C VAL D 170 17.00 4.39 -2.34
N ARG D 171 16.35 5.22 -1.49
CA ARG D 171 14.90 5.47 -1.67
C ARG D 171 14.61 6.84 -2.24
N GLY D 172 13.58 6.92 -3.08
CA GLY D 172 13.32 8.10 -3.86
C GLY D 172 11.92 8.08 -4.43
N GLU D 173 11.55 9.13 -5.15
CA GLU D 173 10.22 9.20 -5.83
C GLU D 173 10.44 9.22 -7.32
N VAL D 174 9.81 8.26 -8.01
CA VAL D 174 9.70 8.29 -9.45
C VAL D 174 8.46 9.10 -9.77
N PHE D 175 8.61 10.08 -10.70
CA PHE D 175 7.55 10.97 -11.09
C PHE D 175 7.70 11.32 -12.57
N LEU D 176 6.62 11.90 -13.12
CA LEU D 176 6.55 12.28 -14.50
C LEU D 176 6.25 13.76 -14.47
N PRO D 177 7.19 14.58 -14.93
CA PRO D 177 6.95 16.01 -14.98
C PRO D 177 5.80 16.42 -15.91
N GLN D 178 5.30 17.64 -15.75
CA GLN D 178 4.17 18.11 -16.55
C GLN D 178 4.45 18.03 -18.05
N ALA D 179 5.59 18.54 -18.54
CA ALA D 179 5.89 18.47 -19.99
C ALA D 179 5.92 17.03 -20.50
N GLY D 180 6.38 16.08 -19.66
CA GLY D 180 6.44 14.66 -20.09
C GLY D 180 5.03 14.08 -20.06
N PHE D 181 4.26 14.33 -19.01
CA PHE D 181 2.82 13.90 -19.03
C PHE D 181 2.07 14.42 -20.32
N GLU D 182 2.26 15.71 -20.62
CA GLU D 182 1.56 16.33 -21.74
C GLU D 182 2.07 15.81 -23.05
N LYS D 183 3.36 15.52 -23.11
CA LYS D 183 3.97 14.88 -24.30
C LYS D 183 3.32 13.54 -24.68
N ILE D 184 3.31 12.60 -23.70
CA ILE D 184 2.64 11.29 -23.81
C ILE D 184 1.13 11.41 -24.12
N ASN D 185 0.40 12.34 -23.51
CA ASN D 185 -1.01 12.54 -23.88
C ASN D 185 -1.20 13.05 -25.29
N GLU D 186 -0.29 13.91 -25.76
CA GLU D 186 -0.21 14.30 -27.18
C GLU D 186 -0.02 13.09 -28.10
N ASP D 187 0.87 12.16 -27.70
CA ASP D 187 1.16 10.96 -28.54
C ASP D 187 -0.12 10.13 -28.54
N ALA D 188 -0.75 9.94 -27.37
CA ALA D 188 -2.02 9.16 -27.26
C ALA D 188 -3.10 9.71 -28.13
N ARG D 189 -3.23 11.04 -28.13
CA ARG D 189 -4.31 11.70 -28.92
C ARG D 189 -4.13 11.58 -30.45
N ARG D 190 -2.89 11.75 -30.91
CA ARG D 190 -2.49 11.52 -32.31
C ARG D 190 -2.78 10.09 -32.89
N THR D 191 -2.26 9.05 -32.21
CA THR D 191 -2.35 7.61 -32.57
C THR D 191 -3.55 6.86 -32.01
N GLY D 192 -4.60 7.59 -31.58
CA GLY D 192 -5.78 7.05 -30.89
C GLY D 192 -5.50 6.22 -29.63
N GLY D 193 -4.35 6.45 -28.97
CA GLY D 193 -3.96 5.70 -27.78
C GLY D 193 -4.69 6.14 -26.52
N LYS D 194 -4.38 5.41 -25.43
CA LYS D 194 -4.94 5.67 -24.11
C LYS D 194 -4.41 7.01 -23.53
N VAL D 195 -5.31 7.92 -23.21
CA VAL D 195 -4.95 9.19 -22.61
C VAL D 195 -4.93 9.07 -21.07
N PHE D 196 -3.88 9.59 -20.45
CA PHE D 196 -3.74 9.54 -19.01
C PHE D 196 -4.41 10.70 -18.17
N ALA D 197 -4.94 10.37 -16.99
CA ALA D 197 -5.75 11.31 -16.18
C ALA D 197 -4.91 12.40 -15.48
N ASN D 198 -3.75 12.00 -14.97
CA ASN D 198 -2.85 12.92 -14.27
C ASN D 198 -1.41 12.27 -14.11
N PRO D 199 -0.41 13.09 -13.73
CA PRO D 199 0.96 12.64 -13.74
C PRO D 199 1.22 11.57 -12.68
N ARG D 200 0.61 11.64 -11.49
CA ARG D 200 0.80 10.67 -10.42
C ARG D 200 0.39 9.27 -10.83
N ASN D 201 -0.85 9.11 -11.33
CA ASN D 201 -1.34 7.76 -11.66
C ASN D 201 -0.67 7.27 -12.98
N ALA D 202 -0.34 8.20 -13.86
CA ALA D 202 0.41 7.79 -15.04
C ALA D 202 1.81 7.27 -14.71
N ALA D 203 2.52 7.91 -13.77
CA ALA D 203 3.87 7.42 -13.36
C ALA D 203 3.79 6.00 -12.78
N ALA D 204 2.76 5.68 -11.99
CA ALA D 204 2.66 4.33 -11.39
C ALA D 204 2.46 3.33 -12.50
N GLY D 205 1.58 3.68 -13.45
CA GLY D 205 1.27 2.77 -14.54
C GLY D 205 2.51 2.44 -15.36
N SER D 206 3.23 3.50 -15.70
CA SER D 206 4.44 3.43 -16.51
C SER D 206 5.38 2.46 -15.89
N LEU D 207 5.49 2.48 -14.56
CA LEU D 207 6.45 1.64 -13.94
C LEU D 207 5.97 0.21 -13.82
N ARG D 208 4.70 -0.03 -14.08
CA ARG D 208 4.27 -1.41 -14.01
C ARG D 208 4.09 -2.09 -15.35
N GLN D 209 4.64 -1.51 -16.42
CA GLN D 209 4.54 -2.12 -17.74
C GLN D 209 5.25 -3.46 -17.67
N LEU D 210 4.70 -4.50 -18.29
CA LEU D 210 5.45 -5.77 -18.50
C LEU D 210 6.69 -5.53 -19.39
N ASP D 211 6.51 -4.62 -20.33
CA ASP D 211 7.44 -4.32 -21.42
C ASP D 211 8.25 -3.06 -21.14
N PRO D 212 9.55 -3.24 -20.76
CA PRO D 212 10.39 -2.07 -20.44
C PRO D 212 10.52 -1.10 -21.59
N ARG D 213 10.29 -1.55 -22.82
CA ARG D 213 10.42 -0.66 -23.95
C ARG D 213 9.28 0.35 -23.96
N ILE D 214 8.09 0.03 -23.38
CA ILE D 214 7.05 1.10 -23.26
C ILE D 214 7.41 2.11 -22.13
N THR D 215 7.85 1.63 -21.00
CA THR D 215 8.29 2.51 -19.93
C THR D 215 9.33 3.53 -20.47
N ALA D 216 10.18 3.08 -21.40
CA ALA D 216 11.31 3.86 -21.93
C ALA D 216 10.87 5.10 -22.71
N LYS D 217 9.69 5.04 -23.29
CA LYS D 217 9.22 6.21 -23.99
C LYS D 217 8.45 7.15 -23.12
N ARG D 218 8.24 6.78 -21.87
CA ARG D 218 7.58 7.74 -20.97
C ARG D 218 8.70 8.45 -20.18
N PRO D 219 8.77 9.82 -20.24
CA PRO D 219 9.87 10.58 -19.58
C PRO D 219 9.79 10.68 -18.02
N LEU D 220 9.75 9.51 -17.33
CA LEU D 220 9.90 9.42 -15.93
C LEU D 220 11.25 10.04 -15.50
N THR D 221 11.26 10.79 -14.39
CA THR D 221 12.48 11.14 -13.70
C THR D 221 12.45 10.66 -12.19
N PHE D 222 13.47 10.97 -11.40
CA PHE D 222 13.62 10.44 -10.04
C PHE D 222 14.21 11.51 -9.08
N PHE D 223 13.77 11.67 -7.84
CA PHE D 223 14.61 12.40 -6.79
C PHE D 223 14.84 11.53 -5.58
N CYS D 224 16.08 11.49 -5.06
CA CYS D 224 16.34 10.62 -3.87
C CYS D 224 15.67 11.28 -2.65
N TYR D 225 15.31 10.52 -1.64
CA TYR D 225 14.96 11.19 -0.41
C TYR D 225 15.51 10.43 0.76
N GLY D 226 16.05 9.24 0.60
CA GLY D 226 16.33 8.43 1.82
C GLY D 226 17.19 7.19 1.57
N VAL D 227 17.50 6.42 2.61
CA VAL D 227 18.34 5.22 2.48
C VAL D 227 17.64 4.03 3.08
N GLY D 228 17.88 2.86 2.54
CA GLY D 228 17.27 1.70 3.15
C GLY D 228 18.36 1.00 3.95
N VAL D 229 18.67 -0.24 3.54
CA VAL D 229 19.83 -0.99 3.93
C VAL D 229 21.05 -0.11 3.61
N LEU D 230 22.08 -0.27 4.44
CA LEU D 230 23.37 0.40 4.21
C LEU D 230 24.42 -0.46 4.88
N GLU D 231 25.40 -0.96 4.10
CA GLU D 231 26.53 -1.61 4.69
C GLU D 231 27.81 -1.02 4.10
N GLY D 232 28.74 -0.65 4.97
CA GLY D 232 30.03 0.00 4.59
C GLY D 232 29.86 1.47 4.25
N GLY D 233 30.87 2.07 3.64
CA GLY D 233 30.88 3.52 3.32
C GLY D 233 31.20 4.45 4.48
N GLU D 234 31.14 5.76 4.22
CA GLU D 234 31.43 6.69 5.27
C GLU D 234 30.34 7.77 5.45
N LEU D 235 29.06 7.38 5.40
CA LEU D 235 28.05 8.39 5.32
C LEU D 235 27.96 9.18 6.60
N PRO D 236 27.61 10.48 6.52
CA PRO D 236 27.48 11.21 7.78
C PRO D 236 26.21 10.87 8.55
N ASP D 237 26.14 11.40 9.78
CA ASP D 237 24.95 11.30 10.60
C ASP D 237 23.86 12.32 10.31
N THR D 238 24.04 13.15 9.29
CA THR D 238 23.13 14.18 8.90
C THR D 238 22.41 13.69 7.62
N HIS D 239 21.09 13.76 7.62
CA HIS D 239 20.32 13.34 6.45
C HIS D 239 20.58 14.20 5.22
N LEU D 240 20.60 15.51 5.37
CA LEU D 240 20.94 16.35 4.26
C LEU D 240 22.35 15.91 3.81
N GLY D 241 23.26 15.73 4.78
CA GLY D 241 24.62 15.38 4.41
C GLY D 241 24.66 14.16 3.51
N ARG D 242 23.78 13.20 3.77
CA ARG D 242 23.74 11.99 2.95
C ARG D 242 23.19 12.37 1.55
N LEU D 243 22.05 13.05 1.49
CA LEU D 243 21.60 13.65 0.18
C LEU D 243 22.71 14.44 -0.59
N LEU D 244 23.58 15.23 0.07
CA LEU D 244 24.64 15.80 -0.72
C LEU D 244 25.64 14.74 -1.17
N GLN D 245 25.96 13.71 -0.36
CA GLN D 245 26.85 12.67 -0.81
C GLN D 245 26.22 11.93 -2.04
N PHE D 246 24.94 11.58 -1.95
CA PHE D 246 24.25 10.92 -3.06
C PHE D 246 24.53 11.61 -4.38
N LYS D 247 24.40 12.94 -4.33
CA LYS D 247 24.60 13.82 -5.45
C LYS D 247 26.04 13.80 -5.99
N LYS D 248 27.02 13.75 -5.09
CA LYS D 248 28.43 13.57 -5.47
C LYS D 248 28.58 12.23 -6.23
N TRP D 249 27.70 11.27 -5.99
CA TRP D 249 27.86 9.96 -6.60
C TRP D 249 27.07 9.86 -7.90
N GLY D 250 26.40 10.92 -8.27
CA GLY D 250 25.72 10.93 -9.57
C GLY D 250 24.20 10.79 -9.48
N LEU D 251 23.64 10.71 -8.27
CA LEU D 251 22.16 10.53 -8.07
C LEU D 251 21.46 11.90 -8.14
N PRO D 252 20.18 11.94 -8.61
CA PRO D 252 19.47 13.23 -8.73
C PRO D 252 18.95 13.66 -7.37
N VAL D 253 19.22 14.92 -7.00
CA VAL D 253 18.69 15.45 -5.74
C VAL D 253 18.09 16.83 -5.98
N SER D 254 16.90 17.10 -5.40
CA SER D 254 16.19 18.35 -5.58
C SER D 254 17.04 19.44 -5.03
N ASP D 255 17.03 20.55 -5.79
CA ASP D 255 17.75 21.80 -5.55
C ASP D 255 17.09 22.49 -4.40
N ARG D 256 15.90 22.04 -3.98
CA ARG D 256 15.16 22.73 -2.91
C ARG D 256 15.29 22.18 -1.46
N VAL D 257 15.99 21.05 -1.21
CA VAL D 257 16.20 20.53 0.18
C VAL D 257 16.83 21.64 1.04
N THR D 258 16.22 21.98 2.15
CA THR D 258 16.62 23.13 2.98
C THR D 258 16.68 22.67 4.40
N LEU D 259 17.64 23.25 5.11
CA LEU D 259 17.75 23.21 6.54
C LEU D 259 16.96 24.36 7.22
N CYS D 260 16.12 23.99 8.21
CA CYS D 260 15.42 24.97 9.05
C CYS D 260 15.76 24.73 10.47
N GLU D 261 15.98 25.80 11.20
CA GLU D 261 16.49 25.75 12.57
C GLU D 261 15.36 26.06 13.50
N SER D 262 14.19 26.38 13.00
CA SER D 262 13.08 26.56 13.92
C SER D 262 11.78 26.26 13.21
N ALA D 263 10.73 26.09 14.00
CA ALA D 263 9.40 25.88 13.44
C ALA D 263 8.93 27.06 12.62
N GLU D 264 9.37 28.26 12.93
CA GLU D 264 8.99 29.45 12.18
C GLU D 264 9.60 29.45 10.77
N GLU D 265 10.88 29.09 10.71
CA GLU D 265 11.57 28.92 9.43
C GLU D 265 10.90 27.80 8.58
N VAL D 266 10.42 26.72 9.25
CA VAL D 266 9.72 25.63 8.54
C VAL D 266 8.45 26.19 7.90
N LEU D 267 7.67 26.97 8.69
CA LEU D 267 6.50 27.67 8.14
C LEU D 267 6.80 28.64 6.99
N ALA D 268 7.89 29.39 7.04
CA ALA D 268 8.23 30.19 5.86
C ALA D 268 8.51 29.31 4.62
N PHE D 269 9.05 28.11 4.83
CA PHE D 269 9.49 27.18 3.72
C PHE D 269 8.22 26.69 3.07
N TYR D 270 7.28 26.24 3.91
CA TYR D 270 5.96 25.80 3.51
C TYR D 270 5.25 26.85 2.67
N HIS D 271 5.20 28.10 3.12
CA HIS D 271 4.56 29.20 2.37
C HIS D 271 5.28 29.55 1.11
N LYS D 272 6.60 29.54 1.12
CA LYS D 272 7.37 29.83 -0.08
C LYS D 272 7.16 28.76 -1.18
N VAL D 273 7.22 27.48 -0.77
CA VAL D 273 6.95 26.33 -1.70
C VAL D 273 5.49 26.39 -2.23
N GLU D 274 4.49 26.66 -1.38
CA GLU D 274 3.09 26.95 -1.80
C GLU D 274 2.94 28.06 -2.87
N GLU D 275 3.62 29.17 -2.69
CA GLU D 275 3.65 30.24 -3.66
C GLU D 275 4.28 29.77 -4.98
N ASP D 276 5.44 29.10 -4.89
CA ASP D 276 6.17 28.59 -6.09
C ASP D 276 5.66 27.32 -6.77
N ARG D 277 4.63 26.70 -6.20
CA ARG D 277 4.06 25.42 -6.69
C ARG D 277 3.86 25.33 -8.23
N PRO D 278 3.16 26.33 -8.87
CA PRO D 278 2.98 26.52 -10.35
C PRO D 278 4.22 26.65 -11.21
N THR D 279 5.37 26.95 -10.62
CA THR D 279 6.55 27.15 -11.45
C THR D 279 7.43 25.92 -11.43
N LEU D 280 7.10 24.92 -10.60
CA LEU D 280 8.03 23.77 -10.42
C LEU D 280 8.24 22.88 -11.60
N GLY D 281 7.24 22.73 -12.45
CA GLY D 281 7.43 21.93 -13.64
C GLY D 281 6.89 20.52 -13.35
N PHE D 282 6.57 20.22 -12.10
CA PHE D 282 6.05 18.93 -11.70
C PHE D 282 5.09 19.05 -10.51
N ASP D 283 4.34 17.99 -10.27
CA ASP D 283 3.40 18.02 -9.22
C ASP D 283 4.00 17.62 -7.90
N ILE D 284 3.51 18.28 -6.86
CA ILE D 284 3.84 17.94 -5.45
C ILE D 284 2.54 18.00 -4.59
N ASP D 285 2.52 17.37 -3.40
CA ASP D 285 1.31 17.34 -2.54
C ASP D 285 1.62 17.68 -1.08
N GLY D 286 2.71 18.42 -0.88
CA GLY D 286 3.06 18.98 0.39
C GLY D 286 4.55 19.22 0.40
N VAL D 287 5.07 19.38 1.61
CA VAL D 287 6.54 19.38 1.78
C VAL D 287 6.73 18.31 2.83
N VAL D 288 7.91 17.71 2.93
CA VAL D 288 8.14 16.77 4.00
C VAL D 288 9.12 17.39 4.99
N ILE D 289 8.76 17.32 6.29
CA ILE D 289 9.64 17.90 7.33
C ILE D 289 10.21 16.75 8.12
N LYS D 290 11.51 16.66 8.17
CA LYS D 290 12.11 15.58 8.96
C LYS D 290 13.29 16.01 9.88
N VAL D 291 13.49 15.25 10.98
CA VAL D 291 14.56 15.42 11.96
C VAL D 291 15.82 15.12 11.14
N ASN D 292 16.68 16.15 11.05
CA ASN D 292 17.86 15.98 10.21
C ASN D 292 18.90 14.98 10.75
N SER D 293 18.97 14.83 12.07
CA SER D 293 19.99 14.02 12.72
C SER D 293 19.56 12.59 12.74
N LEU D 294 20.38 11.71 12.22
CA LEU D 294 20.03 10.32 12.21
C LEU D 294 19.99 9.76 13.62
N ALA D 295 20.88 10.19 14.51
CA ALA D 295 20.77 9.67 15.87
C ALA D 295 19.49 10.20 16.60
N GLN D 296 18.96 11.38 16.26
CA GLN D 296 17.67 11.80 16.85
C GLN D 296 16.47 11.08 16.21
N GLN D 297 16.65 10.53 15.01
CA GLN D 297 15.64 9.78 14.30
C GLN D 297 15.50 8.40 14.92
N GLU D 298 16.64 7.74 15.18
CA GLU D 298 16.72 6.45 15.91
C GLU D 298 16.17 6.51 17.32
N GLN D 299 16.31 7.64 18.02
CA GLN D 299 15.67 7.73 19.33
C GLN D 299 14.14 7.94 19.23
N LEU D 300 13.67 8.52 18.12
CA LEU D 300 12.25 8.85 18.04
C LEU D 300 11.47 7.66 17.56
N GLY D 301 12.12 6.73 16.86
CA GLY D 301 11.51 5.54 16.30
C GLY D 301 10.25 5.75 15.44
N PHE D 302 9.47 4.66 15.29
CA PHE D 302 8.48 4.46 14.26
C PHE D 302 7.17 4.04 14.98
N VAL D 303 6.00 4.55 14.58
CA VAL D 303 4.73 3.87 14.99
C VAL D 303 4.45 2.78 13.96
N ALA D 304 3.32 2.07 14.05
CA ALA D 304 3.19 0.91 13.18
C ALA D 304 3.31 1.32 11.74
N ARG D 305 2.67 2.44 11.43
CA ARG D 305 2.52 2.91 10.07
C ARG D 305 3.61 3.91 9.55
N ALA D 306 4.40 4.52 10.43
CA ALA D 306 5.10 5.75 10.01
C ALA D 306 6.14 6.22 11.01
N PRO D 307 7.20 6.93 10.53
CA PRO D 307 8.25 7.44 11.47
C PRO D 307 7.72 8.51 12.45
N ARG D 308 8.29 8.62 13.64
CA ARG D 308 7.88 9.71 14.54
C ARG D 308 8.67 10.96 14.19
N TRP D 309 9.67 10.84 13.32
CA TRP D 309 10.51 12.04 13.07
C TRP D 309 10.31 12.78 11.78
N ALA D 310 9.24 12.52 11.08
CA ALA D 310 8.96 13.22 9.85
C ALA D 310 7.41 13.36 9.83
N VAL D 311 6.92 14.42 9.23
CA VAL D 311 5.51 14.48 8.78
C VAL D 311 5.54 14.99 7.36
N ALA D 312 4.41 14.80 6.65
CA ALA D 312 4.10 15.49 5.41
C ALA D 312 3.23 16.68 5.72
N PHE D 313 3.65 17.85 5.32
CA PHE D 313 2.82 18.99 5.61
C PHE D 313 2.13 19.33 4.26
N LYS D 314 0.83 19.03 4.23
CA LYS D 314 -0.01 19.17 3.02
C LYS D 314 -0.58 20.55 2.72
N PHE D 315 -0.82 20.85 1.45
CA PHE D 315 -1.42 22.14 1.09
C PHE D 315 -2.94 21.96 1.07
N PRO D 316 -3.69 23.05 1.11
CA PRO D 316 -5.13 22.77 1.09
C PRO D 316 -5.62 22.10 -0.20
N ALA D 317 -6.55 21.17 -0.07
CA ALA D 317 -7.02 20.50 -1.24
C ALA D 317 -8.04 21.29 -2.11
N GLN D 318 -7.92 21.16 -3.42
CA GLN D 318 -8.79 21.80 -4.38
C GLN D 318 -10.23 21.31 -4.23
N GLU D 319 -11.13 22.26 -4.14
CA GLU D 319 -12.59 21.97 -4.06
C GLU D 319 -13.37 22.08 -5.38
N GLN D 320 -14.45 21.30 -5.52
CA GLN D 320 -15.41 21.42 -6.62
C GLN D 320 -16.85 21.22 -6.09
N MET D 321 -17.85 21.64 -6.89
CA MET D 321 -19.25 21.37 -6.55
C MET D 321 -19.90 20.25 -7.35
N THR D 322 -20.66 19.40 -6.68
CA THR D 322 -21.50 18.45 -7.38
C THR D 322 -22.80 18.24 -6.60
N PHE D 323 -23.63 17.33 -7.03
CA PHE D 323 -24.82 17.06 -6.17
C PHE D 323 -24.88 15.60 -5.88
N VAL D 324 -25.57 15.29 -4.79
CA VAL D 324 -25.68 13.94 -4.33
C VAL D 324 -26.92 13.35 -5.02
N ARG D 325 -26.72 12.30 -5.79
CA ARG D 325 -27.78 11.54 -6.44
C ARG D 325 -28.41 10.49 -5.55
N ASP D 326 -27.67 9.98 -4.60
CA ASP D 326 -28.21 8.94 -3.70
C ASP D 326 -27.32 8.73 -2.51
N VAL D 327 -27.82 7.99 -1.52
CA VAL D 327 -26.96 7.62 -0.43
C VAL D 327 -27.28 6.18 -0.22
N GLU D 328 -26.24 5.37 -0.28
CA GLU D 328 -26.42 3.97 -0.07
C GLU D 328 -25.72 3.57 1.23
N PHE D 329 -26.18 2.48 1.82
CA PHE D 329 -25.65 1.98 3.10
C PHE D 329 -24.95 0.62 2.93
N GLN D 330 -23.66 0.58 3.15
CA GLN D 330 -22.92 -0.65 2.89
C GLN D 330 -22.63 -1.37 4.22
N VAL D 331 -22.70 -2.69 4.23
CA VAL D 331 -22.44 -3.54 5.43
C VAL D 331 -21.04 -4.11 5.49
N GLY D 332 -20.31 -3.71 6.52
CA GLY D 332 -18.97 -4.25 6.80
C GLY D 332 -18.84 -5.56 7.56
N ARG D 333 -17.63 -6.08 7.63
CA ARG D 333 -17.45 -7.40 8.24
C ARG D 333 -17.87 -7.50 9.72
N THR D 334 -17.83 -6.37 10.45
CA THR D 334 -18.14 -6.35 11.87
C THR D 334 -19.61 -5.94 12.02
N GLY D 335 -20.29 -5.77 10.90
CA GLY D 335 -21.70 -5.47 10.92
C GLY D 335 -21.94 -4.00 10.74
N ALA D 336 -20.85 -3.23 10.76
CA ALA D 336 -20.93 -1.79 10.59
C ALA D 336 -21.72 -1.47 9.31
N ILE D 337 -22.68 -0.53 9.40
CA ILE D 337 -23.48 0.08 8.29
C ILE D 337 -22.89 1.45 7.92
N THR D 338 -22.16 1.53 6.82
CA THR D 338 -21.53 2.77 6.47
C THR D 338 -22.27 3.49 5.34
N PRO D 339 -22.77 4.74 5.57
CA PRO D 339 -23.36 5.41 4.40
C PRO D 339 -22.33 5.86 3.38
N VAL D 340 -22.69 5.82 2.09
CA VAL D 340 -21.87 6.32 1.00
C VAL D 340 -22.67 7.25 0.06
N ALA D 341 -22.17 8.47 -0.17
CA ALA D 341 -22.77 9.37 -1.18
C ALA D 341 -22.46 8.88 -2.56
N ARG D 342 -23.48 8.78 -3.39
CA ARG D 342 -23.30 8.62 -4.84
C ARG D 342 -23.43 10.02 -5.41
N LEU D 343 -22.38 10.54 -6.01
CA LEU D 343 -22.38 11.92 -6.53
C LEU D 343 -22.51 11.98 -8.03
N GLU D 344 -23.10 13.06 -8.54
CA GLU D 344 -23.00 13.32 -10.00
C GLU D 344 -21.50 13.46 -10.36
N PRO D 345 -20.95 12.59 -11.23
CA PRO D 345 -19.48 12.58 -11.46
C PRO D 345 -18.94 13.96 -11.79
N VAL D 346 -17.85 14.32 -11.12
CA VAL D 346 -17.24 15.57 -11.44
C VAL D 346 -15.74 15.36 -11.33
N HIS D 347 -15.01 16.03 -12.20
CA HIS D 347 -13.55 16.05 -12.07
C HIS D 347 -13.04 16.92 -10.93
N VAL D 348 -12.08 16.37 -10.15
CA VAL D 348 -11.41 17.00 -9.00
C VAL D 348 -9.95 16.60 -9.02
N ALA D 349 -9.10 17.62 -9.23
CA ALA D 349 -7.66 17.45 -9.11
C ALA D 349 -7.19 16.21 -9.84
N GLY D 350 -7.67 15.96 -11.07
CA GLY D 350 -7.01 15.02 -11.93
C GLY D 350 -7.69 13.67 -12.07
N VAL D 351 -8.84 13.52 -11.40
CA VAL D 351 -9.50 12.20 -11.41
C VAL D 351 -11.02 12.46 -11.42
N LEU D 352 -11.79 11.46 -11.81
CA LEU D 352 -13.27 11.59 -11.83
C LEU D 352 -13.88 11.12 -10.49
N VAL D 353 -14.61 11.98 -9.80
CA VAL D 353 -15.09 11.52 -8.50
C VAL D 353 -16.58 11.22 -8.61
N SER D 354 -16.99 10.04 -8.19
CA SER D 354 -18.40 9.62 -8.28
C SER D 354 -18.97 9.19 -6.93
N ASN D 355 -18.11 9.00 -5.95
CA ASN D 355 -18.53 8.46 -4.64
C ASN D 355 -17.75 9.12 -3.47
N ALA D 356 -18.36 9.24 -2.29
CA ALA D 356 -17.53 9.59 -1.13
C ALA D 356 -18.19 9.02 0.11
N THR D 357 -17.40 8.52 1.07
CA THR D 357 -18.00 8.07 2.29
C THR D 357 -18.69 9.21 3.02
N LEU D 358 -19.74 8.86 3.74
CA LEU D 358 -20.39 9.75 4.66
C LEU D 358 -20.25 9.42 6.14
N HIS D 359 -19.38 8.45 6.43
CA HIS D 359 -18.98 8.05 7.80
C HIS D 359 -20.10 7.43 8.63
N ASN D 360 -21.10 8.20 9.06
CA ASN D 360 -22.17 7.68 9.98
C ASN D 360 -23.39 8.54 10.03
N ALA D 361 -24.34 8.17 10.86
CA ALA D 361 -25.55 8.97 10.90
C ALA D 361 -25.28 10.34 11.42
N ASP D 362 -24.32 10.43 12.33
CA ASP D 362 -24.06 11.68 13.02
C ASP D 362 -23.47 12.68 12.04
N GLU D 363 -22.59 12.21 11.14
CA GLU D 363 -22.00 13.10 10.16
C GLU D 363 -23.02 13.64 9.16
N ILE D 364 -24.00 12.79 8.84
CA ILE D 364 -25.06 13.19 7.87
C ILE D 364 -25.91 14.32 8.47
N GLU D 365 -26.18 14.19 9.77
CA GLU D 365 -26.92 15.14 10.53
C GLU D 365 -26.13 16.45 10.63
N ARG D 366 -24.83 16.33 10.87
CA ARG D 366 -23.99 17.50 10.93
C ARG D 366 -23.99 18.35 9.62
N LEU D 367 -23.86 17.67 8.48
CA LEU D 367 -23.99 18.25 7.18
C LEU D 367 -25.46 18.70 6.85
N GLY D 368 -26.44 18.08 7.51
CA GLY D 368 -27.87 18.27 7.20
C GLY D 368 -28.15 17.93 5.74
N LEU D 369 -27.36 17.00 5.23
CA LEU D 369 -27.46 16.40 3.95
C LEU D 369 -28.83 15.72 3.59
N ARG D 370 -29.40 16.12 2.45
CA ARG D 370 -30.58 15.47 1.89
C ARG D 370 -30.18 15.02 0.46
N ILE D 371 -30.83 13.96 -0.05
CA ILE D 371 -30.56 13.48 -1.40
C ILE D 371 -31.08 14.58 -2.34
N GLY D 372 -30.23 14.96 -3.31
CA GLY D 372 -30.52 16.07 -4.22
C GLY D 372 -29.72 17.32 -3.89
N ASP D 373 -29.08 17.37 -2.70
CA ASP D 373 -28.39 18.56 -2.27
C ASP D 373 -27.16 18.81 -3.18
N LYS D 374 -26.85 20.08 -3.42
CA LYS D 374 -25.55 20.45 -3.97
C LYS D 374 -24.49 20.43 -2.83
N VAL D 375 -23.31 19.85 -3.09
CA VAL D 375 -22.29 19.75 -2.05
C VAL D 375 -20.95 20.26 -2.57
N VAL D 376 -20.13 20.73 -1.65
CA VAL D 376 -18.69 21.06 -1.93
C VAL D 376 -17.87 19.78 -1.63
N ILE D 377 -16.98 19.43 -2.56
N ILE D 377 -17.10 19.28 -2.59
CA ILE D 377 -16.33 18.15 -2.56
CA ILE D 377 -16.27 18.12 -2.28
C ILE D 377 -14.81 18.41 -2.76
C ILE D 377 -14.81 18.48 -2.55
N ARG D 378 -13.93 17.56 -2.19
CA ARG D 378 -12.47 17.69 -2.47
C ARG D 378 -11.82 16.35 -2.35
N ARG D 379 -10.57 16.23 -2.84
CA ARG D 379 -9.81 15.05 -2.56
C ARG D 379 -8.98 15.27 -1.34
N ALA D 380 -9.44 14.74 -0.19
CA ALA D 380 -8.77 14.90 1.08
C ALA D 380 -7.33 14.42 1.00
N GLY D 381 -6.42 15.29 1.45
CA GLY D 381 -4.99 15.00 1.35
C GLY D 381 -4.58 14.74 -0.10
N ASP D 382 -5.35 15.31 -1.07
CA ASP D 382 -5.09 15.27 -2.54
C ASP D 382 -5.25 13.86 -3.04
N VAL D 383 -6.02 13.06 -2.30
CA VAL D 383 -6.31 11.69 -2.68
C VAL D 383 -7.83 11.33 -2.58
N ILE D 384 -8.46 11.39 -1.39
CA ILE D 384 -9.67 10.61 -1.11
C ILE D 384 -10.91 11.52 -1.01
N PRO D 385 -11.99 11.17 -1.75
CA PRO D 385 -13.08 12.11 -1.85
C PRO D 385 -13.62 12.32 -0.46
N GLN D 386 -13.94 13.53 -0.13
CA GLN D 386 -14.60 13.84 1.11
C GLN D 386 -15.69 14.90 0.79
N VAL D 387 -16.88 14.76 1.39
CA VAL D 387 -17.92 15.81 1.33
C VAL D 387 -17.73 16.89 2.39
N VAL D 388 -17.49 18.12 1.95
CA VAL D 388 -17.19 19.21 2.89
C VAL D 388 -18.43 19.79 3.53
N ASN D 389 -19.44 20.13 2.75
CA ASN D 389 -20.61 20.75 3.29
C ASN D 389 -21.60 20.77 2.18
N VAL D 390 -22.88 20.86 2.55
CA VAL D 390 -23.98 21.14 1.71
C VAL D 390 -23.95 22.63 1.39
N VAL D 391 -24.25 22.98 0.15
CA VAL D 391 -24.50 24.37 -0.24
C VAL D 391 -26.04 24.58 -0.06
N LEU D 392 -26.46 25.07 1.11
CA LEU D 392 -27.89 25.28 1.42
C LEU D 392 -28.64 26.22 0.52
N SER D 393 -28.01 27.29 0.07
CA SER D 393 -28.68 28.29 -0.77
C SER D 393 -29.03 27.81 -2.18
N GLU D 394 -28.48 26.66 -2.55
CA GLU D 394 -28.73 25.98 -3.80
C GLU D 394 -29.57 24.69 -3.70
N ARG D 395 -30.03 24.33 -2.51
CA ARG D 395 -30.90 23.17 -2.30
C ARG D 395 -32.14 23.24 -3.19
N PRO D 396 -32.40 22.17 -3.96
CA PRO D 396 -33.50 22.08 -4.94
C PRO D 396 -34.86 21.91 -4.26
N GLU D 397 -35.92 22.38 -4.94
CA GLU D 397 -37.29 22.34 -4.46
C GLU D 397 -37.56 20.92 -4.08
N ASP D 398 -37.13 19.97 -4.90
CA ASP D 398 -37.28 18.58 -4.53
C ASP D 398 -35.96 17.96 -4.00
N THR D 399 -35.94 17.58 -2.70
CA THR D 399 -34.85 16.73 -2.09
C THR D 399 -35.51 15.66 -1.25
N ARG D 400 -34.77 14.61 -0.86
CA ARG D 400 -35.33 13.52 -0.11
C ARG D 400 -34.46 13.29 1.13
N GLU D 401 -35.12 12.96 2.21
CA GLU D 401 -34.51 12.66 3.48
C GLU D 401 -33.63 11.42 3.39
N VAL D 402 -32.46 11.46 4.02
CA VAL D 402 -31.59 10.32 4.06
C VAL D 402 -32.01 9.53 5.26
N VAL D 403 -32.67 8.42 5.04
CA VAL D 403 -33.13 7.61 6.16
C VAL D 403 -32.17 6.51 6.50
N PHE D 404 -31.60 6.57 7.70
CA PHE D 404 -30.77 5.48 8.14
C PHE D 404 -31.53 4.19 8.33
N PRO D 405 -31.00 3.08 7.76
CA PRO D 405 -31.58 1.74 7.90
C PRO D 405 -31.81 1.28 9.35
N THR D 406 -33.01 0.76 9.62
CA THR D 406 -33.32 0.14 10.92
C THR D 406 -33.26 -1.38 10.76
N HIS D 407 -33.28 -1.84 9.50
CA HIS D 407 -33.04 -3.25 9.18
C HIS D 407 -31.91 -3.36 8.22
N CYS D 408 -31.06 -4.36 8.38
CA CYS D 408 -29.91 -4.58 7.48
C CYS D 408 -30.31 -4.63 6.00
N PRO D 409 -29.76 -3.72 5.15
CA PRO D 409 -30.20 -3.75 3.75
C PRO D 409 -29.94 -5.08 3.06
N VAL D 410 -29.14 -5.97 3.65
CA VAL D 410 -28.79 -7.24 2.98
C VAL D 410 -29.64 -8.39 3.55
N CYS D 411 -29.51 -8.66 4.84
CA CYS D 411 -30.03 -9.88 5.46
C CYS D 411 -31.33 -9.60 6.25
N GLY D 412 -31.68 -8.31 6.41
CA GLY D 412 -32.93 -7.92 7.07
C GLY D 412 -32.94 -7.78 8.58
N SER D 413 -31.90 -8.25 9.25
CA SER D 413 -31.90 -8.19 10.71
C SER D 413 -31.97 -6.77 11.29
N ASP D 414 -32.29 -6.71 12.57
CA ASP D 414 -32.31 -5.50 13.32
C ASP D 414 -30.94 -4.80 13.32
N VAL D 415 -30.92 -3.51 12.98
CA VAL D 415 -29.77 -2.61 13.22
C VAL D 415 -29.80 -2.10 14.68
N GLU D 416 -28.65 -2.18 15.35
CA GLU D 416 -28.54 -1.76 16.73
C GLU D 416 -27.43 -0.73 16.82
N ARG D 417 -27.66 0.34 17.57
CA ARG D 417 -26.61 1.33 17.87
C ARG D 417 -26.54 1.43 19.41
N VAL D 418 -25.38 1.14 20.02
CA VAL D 418 -25.26 1.13 21.50
C VAL D 418 -25.20 2.58 22.01
N GLU D 419 -25.93 2.87 23.11
CA GLU D 419 -25.99 4.26 23.69
C GLU D 419 -24.65 5.04 23.73
N GLY D 420 -24.66 6.26 23.22
CA GLY D 420 -23.44 7.06 23.13
C GLY D 420 -22.40 6.57 22.10
N GLU D 421 -22.67 5.56 21.30
CA GLU D 421 -21.66 5.29 20.27
C GLU D 421 -22.19 5.61 18.88
N ALA D 422 -21.30 5.87 17.94
CA ALA D 422 -21.61 6.43 16.61
C ALA D 422 -22.05 5.37 15.58
N VAL D 423 -21.47 4.17 15.66
CA VAL D 423 -21.56 3.13 14.58
C VAL D 423 -22.82 2.35 14.84
N ALA D 424 -23.62 2.07 13.81
CA ALA D 424 -24.81 1.21 13.94
C ALA D 424 -24.43 -0.07 13.24
N ARG D 425 -24.76 -1.23 13.84
CA ARG D 425 -24.48 -2.54 13.25
C ARG D 425 -25.69 -3.36 12.80
N CYS D 426 -25.50 -4.16 11.76
CA CYS D 426 -26.37 -5.33 11.55
C CYS D 426 -26.18 -6.30 12.74
N THR D 427 -27.30 -6.76 13.33
CA THR D 427 -27.24 -7.77 14.41
C THR D 427 -27.30 -9.21 13.87
N GLY D 428 -27.35 -9.39 12.54
CA GLY D 428 -27.45 -10.73 11.92
C GLY D 428 -26.31 -11.71 12.16
N GLY D 429 -25.12 -11.18 12.44
CA GLY D 429 -23.98 -12.07 12.67
C GLY D 429 -23.74 -13.07 11.55
N LEU D 430 -23.71 -14.35 11.91
CA LEU D 430 -23.41 -15.44 10.97
C LEU D 430 -24.39 -15.65 9.76
N ILE D 431 -25.64 -15.21 9.93
CA ILE D 431 -26.73 -15.28 8.92
C ILE D 431 -26.59 -14.14 7.91
N CYS D 432 -25.71 -13.15 8.15
CA CYS D 432 -25.63 -12.04 7.21
C CYS D 432 -24.64 -12.31 6.07
N GLY D 433 -25.15 -12.31 4.83
CA GLY D 433 -24.30 -12.64 3.65
C GLY D 433 -23.24 -11.59 3.39
N ALA D 434 -23.62 -10.34 3.64
CA ALA D 434 -22.70 -9.20 3.53
C ALA D 434 -21.56 -9.38 4.50
N GLN D 435 -21.89 -9.77 5.74
CA GLN D 435 -20.84 -10.00 6.76
C GLN D 435 -19.95 -11.19 6.44
N ARG D 436 -20.61 -12.29 6.06
CA ARG D 436 -19.92 -13.45 5.52
C ARG D 436 -18.91 -13.08 4.42
N LYS D 437 -19.35 -12.32 3.41
CA LYS D 437 -18.49 -11.95 2.30
C LYS D 437 -17.34 -11.09 2.78
N GLU D 438 -17.63 -10.11 3.63
CA GLU D 438 -16.57 -9.12 3.89
C GLU D 438 -15.57 -9.72 4.85
N SER D 439 -15.99 -10.69 5.69
CA SER D 439 -15.03 -11.47 6.54
C SER D 439 -14.06 -12.30 5.77
N LEU D 440 -14.54 -12.95 4.71
CA LEU D 440 -13.62 -13.61 3.79
C LEU D 440 -12.68 -12.68 2.98
N LYS D 441 -13.16 -11.54 2.48
CA LYS D 441 -12.34 -10.53 1.72
C LYS D 441 -11.22 -10.11 2.70
N HIS D 442 -11.63 -9.82 3.95
CA HIS D 442 -10.66 -9.52 5.02
C HIS D 442 -9.67 -10.66 5.28
N PHE D 443 -10.16 -11.91 5.36
CA PHE D 443 -9.30 -13.08 5.68
C PHE D 443 -8.23 -13.19 4.63
N VAL D 444 -8.65 -12.99 3.41
CA VAL D 444 -7.82 -13.16 2.26
C VAL D 444 -6.94 -11.95 1.88
N SER D 445 -7.01 -10.85 2.63
CA SER D 445 -6.38 -9.59 2.16
C SER D 445 -4.82 -9.56 2.28
N ARG D 446 -4.20 -8.59 1.61
CA ARG D 446 -2.72 -8.51 1.54
C ARG D 446 -2.02 -8.72 2.91
N ARG D 447 -2.55 -8.06 3.96
CA ARG D 447 -1.90 -8.04 5.28
C ARG D 447 -2.28 -9.19 6.20
N ALA D 448 -3.19 -10.04 5.72
CA ALA D 448 -3.73 -11.19 6.44
C ALA D 448 -3.19 -12.42 5.75
N MET D 449 -4.07 -13.26 5.17
CA MET D 449 -3.61 -14.45 4.51
C MET D 449 -3.03 -14.26 3.12
N ASP D 450 -3.35 -13.15 2.43
CA ASP D 450 -2.66 -12.73 1.18
C ASP D 450 -2.90 -13.68 -0.01
N VAL D 451 -4.17 -13.95 -0.31
CA VAL D 451 -4.47 -14.90 -1.38
C VAL D 451 -4.78 -14.19 -2.68
N ASP D 452 -3.83 -14.26 -3.60
CA ASP D 452 -3.96 -13.52 -4.86
C ASP D 452 -5.11 -14.03 -5.74
N GLY D 453 -6.02 -13.15 -6.12
CA GLY D 453 -7.00 -13.54 -7.13
C GLY D 453 -8.34 -13.65 -6.49
N MET D 454 -8.36 -13.81 -5.19
CA MET D 454 -9.61 -13.88 -4.51
C MET D 454 -10.18 -12.52 -4.18
N GLY D 455 -10.87 -11.89 -5.13
CA GLY D 455 -11.49 -10.59 -4.87
C GLY D 455 -12.99 -10.66 -4.62
N ASP D 456 -13.65 -9.49 -4.64
CA ASP D 456 -15.06 -9.38 -4.30
C ASP D 456 -15.92 -10.25 -5.17
N LYS D 457 -15.64 -10.38 -6.47
CA LYS D 457 -16.63 -11.08 -7.34
C LYS D 457 -16.70 -12.55 -7.10
N ILE D 458 -15.55 -13.16 -6.92
CA ILE D 458 -15.50 -14.58 -6.76
C ILE D 458 -15.93 -14.91 -5.35
N ILE D 459 -15.51 -14.11 -4.37
CA ILE D 459 -16.08 -14.26 -3.04
C ILE D 459 -17.59 -14.05 -3.06
N ASP D 460 -18.07 -13.13 -3.84
CA ASP D 460 -19.51 -12.85 -3.83
C ASP D 460 -20.27 -14.13 -4.26
N GLN D 461 -19.77 -14.79 -5.31
CA GLN D 461 -20.31 -16.08 -5.76
C GLN D 461 -20.10 -17.26 -4.83
N LEU D 462 -18.92 -17.37 -4.24
CA LEU D 462 -18.63 -18.47 -3.32
C LEU D 462 -19.65 -18.46 -2.25
N VAL D 463 -20.05 -17.28 -1.84
CA VAL D 463 -20.97 -17.15 -0.71
C VAL D 463 -22.44 -17.31 -1.18
N GLU D 464 -22.78 -16.63 -2.28
CA GLU D 464 -24.13 -16.68 -2.89
C GLU D 464 -24.49 -18.10 -3.26
N LYS D 465 -23.53 -18.83 -3.79
CA LYS D 465 -23.71 -20.23 -4.15
C LYS D 465 -23.56 -21.20 -2.95
N GLU D 466 -23.29 -20.64 -1.79
CA GLU D 466 -23.12 -21.45 -0.57
C GLU D 466 -22.09 -22.53 -0.71
N TYR D 467 -20.95 -22.19 -1.33
CA TYR D 467 -19.82 -23.10 -1.41
C TYR D 467 -18.87 -22.99 -0.27
N VAL D 468 -18.87 -21.85 0.39
CA VAL D 468 -17.94 -21.55 1.51
C VAL D 468 -18.78 -21.00 2.66
N HIS D 469 -18.67 -21.63 3.84
CA HIS D 469 -19.32 -21.07 5.04
C HIS D 469 -18.31 -20.49 6.04
N THR D 470 -17.15 -21.12 6.22
CA THR D 470 -16.08 -20.53 7.05
C THR D 470 -14.75 -20.49 6.30
N PRO D 471 -13.71 -19.92 6.92
CA PRO D 471 -12.55 -19.81 6.11
C PRO D 471 -11.86 -21.13 5.70
N ALA D 472 -11.88 -22.17 6.54
CA ALA D 472 -11.23 -23.44 6.17
C ALA D 472 -11.78 -24.03 4.85
N ASP D 473 -13.02 -23.65 4.52
CA ASP D 473 -13.67 -24.09 3.29
C ASP D 473 -12.94 -23.62 2.04
N LEU D 474 -12.27 -22.46 2.11
CA LEU D 474 -11.54 -21.93 0.96
C LEU D 474 -10.46 -22.95 0.53
N PHE D 475 -9.95 -23.70 1.51
CA PHE D 475 -8.81 -24.62 1.29
C PHE D 475 -9.25 -26.00 0.73
N LYS D 476 -10.55 -26.20 0.66
CA LYS D 476 -11.15 -27.42 0.15
C LYS D 476 -11.56 -27.29 -1.28
N LEU D 477 -11.73 -26.05 -1.75
CA LEU D 477 -12.12 -25.80 -3.15
C LEU D 477 -11.11 -26.39 -4.16
N THR D 478 -11.62 -27.12 -5.15
CA THR D 478 -10.83 -27.67 -6.27
C THR D 478 -11.10 -26.89 -7.54
N ALA D 479 -10.20 -27.05 -8.51
CA ALA D 479 -10.24 -26.27 -9.77
C ALA D 479 -11.54 -26.51 -10.51
N GLY D 480 -11.98 -27.77 -10.54
CA GLY D 480 -13.30 -28.09 -11.11
C GLY D 480 -14.44 -27.31 -10.44
N LYS D 481 -14.47 -27.31 -9.10
CA LYS D 481 -15.50 -26.53 -8.35
C LYS D 481 -15.53 -25.04 -8.77
N LEU D 482 -14.33 -24.48 -9.00
CA LEU D 482 -14.11 -23.08 -9.40
C LEU D 482 -14.43 -22.72 -10.84
N THR D 483 -13.92 -23.54 -11.80
CA THR D 483 -14.07 -23.27 -13.28
C THR D 483 -15.48 -22.87 -13.70
N GLY D 484 -16.45 -23.52 -13.08
CA GLY D 484 -17.84 -23.32 -13.41
C GLY D 484 -18.39 -21.99 -13.03
N LEU D 485 -17.69 -21.20 -12.23
CA LEU D 485 -18.21 -19.89 -11.83
C LEU D 485 -18.14 -18.85 -12.95
N GLU D 486 -18.91 -17.78 -12.79
CA GLU D 486 -19.01 -16.68 -13.74
C GLU D 486 -17.64 -16.02 -13.76
N ARG D 487 -17.09 -15.81 -14.96
CA ARG D 487 -15.79 -15.15 -15.14
C ARG D 487 -14.65 -15.95 -14.55
N MET D 488 -14.90 -17.23 -14.34
CA MET D 488 -13.88 -18.14 -13.98
C MET D 488 -13.67 -19.07 -15.19
N GLY D 489 -12.63 -19.89 -15.12
CA GLY D 489 -12.24 -20.82 -16.16
C GLY D 489 -11.11 -21.72 -15.71
N PRO D 490 -10.67 -22.65 -16.58
CA PRO D 490 -9.59 -23.61 -16.19
C PRO D 490 -8.26 -23.03 -15.65
N LYS D 491 -7.66 -22.07 -16.35
CA LYS D 491 -6.43 -21.44 -15.87
C LYS D 491 -6.65 -20.57 -14.60
N SER D 492 -7.66 -19.70 -14.56
CA SER D 492 -7.87 -18.85 -13.34
C SER D 492 -8.26 -19.68 -12.14
N ALA D 493 -9.07 -20.72 -12.33
CA ALA D 493 -9.33 -21.73 -11.29
C ALA D 493 -8.04 -22.35 -10.75
N GLN D 494 -7.14 -22.83 -11.60
CA GLN D 494 -5.91 -23.42 -11.09
C GLN D 494 -4.98 -22.42 -10.43
N ASN D 495 -5.01 -21.16 -10.91
CA ASN D 495 -4.25 -20.07 -10.25
C ASN D 495 -4.71 -19.79 -8.82
N VAL D 496 -6.02 -19.87 -8.59
CA VAL D 496 -6.62 -19.65 -7.25
C VAL D 496 -6.28 -20.85 -6.33
N VAL D 497 -6.34 -22.09 -6.84
CA VAL D 497 -6.03 -23.26 -6.04
C VAL D 497 -4.57 -23.18 -5.64
N ASN D 498 -3.76 -22.69 -6.56
CA ASN D 498 -2.35 -22.49 -6.30
C ASN D 498 -2.05 -21.40 -5.25
N ALA D 499 -2.62 -20.22 -5.44
CA ALA D 499 -2.51 -19.13 -4.47
C ALA D 499 -2.94 -19.57 -3.06
N LEU D 500 -4.06 -20.29 -2.96
CA LEU D 500 -4.59 -20.82 -1.69
C LEU D 500 -3.59 -21.81 -1.09
N GLU D 501 -3.03 -22.70 -1.91
CA GLU D 501 -1.95 -23.56 -1.45
C GLU D 501 -0.75 -22.83 -0.84
N LYS D 502 -0.21 -21.83 -1.55
CA LYS D 502 0.96 -21.09 -1.07
C LYS D 502 0.70 -20.26 0.18
N ALA D 503 -0.53 -19.75 0.36
CA ALA D 503 -0.92 -18.86 1.44
C ALA D 503 -1.05 -19.59 2.79
N LYS D 504 -1.01 -20.92 2.78
CA LYS D 504 -1.07 -21.73 4.00
C LYS D 504 0.08 -21.45 4.97
N GLU D 505 1.25 -21.18 4.40
CA GLU D 505 2.45 -20.83 5.14
C GLU D 505 2.32 -19.34 5.46
N THR D 506 1.83 -19.02 6.67
CA THR D 506 1.74 -17.65 7.16
C THR D 506 2.64 -17.41 8.34
N THR D 507 2.19 -16.44 9.17
CA THR D 507 2.82 -16.05 10.43
C THR D 507 1.74 -15.96 11.48
N PHE D 508 2.16 -15.98 12.72
CA PHE D 508 1.22 -16.04 13.79
C PHE D 508 0.38 -14.73 13.78
N ALA D 509 1.06 -13.58 13.69
CA ALA D 509 0.40 -12.27 13.55
C ALA D 509 -0.63 -12.20 12.39
N ARG D 510 -0.24 -12.58 11.17
CA ARG D 510 -1.15 -12.46 10.02
C ARG D 510 -2.39 -13.32 10.28
N PHE D 511 -2.18 -14.49 10.90
CA PHE D 511 -3.28 -15.48 11.14
C PHE D 511 -4.29 -14.88 12.14
N LEU D 512 -3.75 -14.35 13.26
CA LEU D 512 -4.52 -13.61 14.29
C LEU D 512 -5.29 -12.44 13.73
N TYR D 513 -4.61 -11.69 12.85
CA TYR D 513 -5.21 -10.59 12.08
C TYR D 513 -6.34 -11.12 11.20
N ALA D 514 -6.06 -12.18 10.46
CA ALA D 514 -7.06 -12.75 9.54
C ALA D 514 -8.40 -13.13 10.19
N LEU D 515 -8.38 -13.58 11.45
CA LEU D 515 -9.60 -14.10 12.11
C LEU D 515 -10.63 -12.97 12.34
N GLY D 516 -10.18 -11.71 12.37
CA GLY D 516 -11.17 -10.63 12.49
C GLY D 516 -11.71 -10.62 13.90
N ILE D 517 -10.85 -10.83 14.91
CA ILE D 517 -11.29 -10.62 16.30
C ILE D 517 -11.51 -9.12 16.49
N ARG D 518 -12.63 -8.79 17.10
CA ARG D 518 -13.02 -7.40 17.30
C ARG D 518 -11.94 -6.59 18.02
N GLU D 519 -11.59 -5.45 17.44
CA GLU D 519 -10.53 -4.59 17.95
C GLU D 519 -9.14 -5.20 17.71
N VAL D 520 -9.05 -6.39 17.14
CA VAL D 520 -7.70 -6.95 16.95
C VAL D 520 -7.32 -6.76 15.49
N GLY D 521 -6.71 -5.65 15.17
CA GLY D 521 -6.27 -5.46 13.83
C GLY D 521 -4.80 -5.77 13.70
N GLU D 522 -4.18 -5.30 12.64
CA GLU D 522 -2.79 -5.60 12.38
C GLU D 522 -1.81 -5.32 13.55
N ALA D 523 -1.85 -4.12 14.14
CA ALA D 523 -0.88 -3.85 15.20
C ALA D 523 -1.14 -4.66 16.49
N THR D 524 -2.41 -4.80 16.89
CA THR D 524 -2.77 -5.56 18.07
C THR D 524 -2.55 -7.05 17.87
N ALA D 525 -2.73 -7.54 16.65
CA ALA D 525 -2.42 -8.93 16.39
C ALA D 525 -0.93 -9.12 16.55
N ALA D 526 -0.14 -8.11 16.15
CA ALA D 526 1.33 -8.23 16.16
C ALA D 526 1.71 -8.35 17.62
N GLY D 527 0.94 -7.63 18.44
CA GLY D 527 1.25 -7.49 19.82
C GLY D 527 0.99 -8.72 20.64
N LEU D 528 -0.21 -9.30 20.51
CA LEU D 528 -0.56 -10.56 21.12
C LEU D 528 0.41 -11.65 20.66
N ALA D 529 0.72 -11.64 19.36
CA ALA D 529 1.65 -12.64 18.84
C ALA D 529 3.02 -12.54 19.52
N ALA D 530 3.56 -11.32 19.66
CA ALA D 530 4.92 -11.20 20.18
C ALA D 530 4.90 -11.67 21.64
N TYR D 531 3.92 -11.15 22.39
CA TYR D 531 3.75 -11.47 23.80
C TYR D 531 3.45 -12.94 24.07
N PHE D 532 2.48 -13.53 23.38
CA PHE D 532 2.10 -14.87 23.76
C PHE D 532 2.93 -15.97 23.15
N GLY D 533 3.68 -15.65 22.10
CA GLY D 533 4.48 -16.68 21.43
C GLY D 533 3.70 -17.68 20.59
N THR D 534 2.70 -18.33 21.18
CA THR D 534 1.98 -19.43 20.54
C THR D 534 0.48 -19.29 20.81
N LEU D 535 -0.32 -20.01 20.04
CA LEU D 535 -1.76 -19.87 20.08
C LEU D 535 -2.38 -20.49 21.33
N GLU D 536 -1.75 -21.53 21.90
CA GLU D 536 -2.22 -22.15 23.15
C GLU D 536 -2.05 -21.21 24.31
N ALA D 537 -0.92 -20.50 24.37
CA ALA D 537 -0.74 -19.48 25.41
C ALA D 537 -1.87 -18.50 25.27
N LEU D 538 -2.01 -17.93 24.07
CA LEU D 538 -3.06 -16.97 23.76
C LEU D 538 -4.46 -17.47 24.18
N GLU D 539 -4.76 -18.73 23.85
CA GLU D 539 -6.05 -19.33 24.16
C GLU D 539 -6.32 -19.54 25.64
N ALA D 540 -5.25 -19.78 26.40
CA ALA D 540 -5.36 -20.02 27.83
C ALA D 540 -5.35 -18.71 28.62
N ALA D 541 -4.95 -17.58 28.03
CA ALA D 541 -5.01 -16.29 28.76
C ALA D 541 -6.41 -15.92 29.34
N SER D 542 -6.39 -15.49 30.61
CA SER D 542 -7.57 -14.90 31.26
C SER D 542 -7.65 -13.46 30.77
N ILE D 543 -8.80 -12.81 31.01
CA ILE D 543 -8.92 -11.39 30.76
C ILE D 543 -7.80 -10.63 31.51
N GLU D 544 -7.38 -11.15 32.67
CA GLU D 544 -6.35 -10.47 33.42
C GLU D 544 -4.92 -10.55 32.77
N GLU D 545 -4.45 -11.72 32.31
CA GLU D 545 -3.10 -11.75 31.69
C GLU D 545 -3.12 -10.97 30.36
N LEU D 546 -4.28 -10.93 29.73
CA LEU D 546 -4.44 -10.18 28.49
C LEU D 546 -4.12 -8.70 28.73
N GLN D 547 -4.57 -8.15 29.86
CA GLN D 547 -4.40 -6.72 30.13
C GLN D 547 -2.92 -6.35 30.41
N LYS D 548 -2.07 -7.36 30.48
CA LYS D 548 -0.63 -7.14 30.68
C LYS D 548 0.01 -6.76 29.35
N VAL D 549 -0.62 -7.11 28.22
CA VAL D 549 -0.02 -6.95 26.89
C VAL D 549 -0.06 -5.46 26.59
N PRO D 550 1.10 -4.87 26.20
CA PRO D 550 1.16 -3.44 25.84
C PRO D 550 0.03 -3.07 24.90
N ASP D 551 -0.69 -2.03 25.28
CA ASP D 551 -1.82 -1.50 24.53
C ASP D 551 -3.01 -2.40 24.43
N VAL D 552 -3.14 -3.37 25.33
CA VAL D 552 -4.33 -4.15 25.46
C VAL D 552 -5.06 -3.87 26.77
N GLY D 553 -6.34 -3.46 26.70
CA GLY D 553 -7.02 -2.89 27.85
C GLY D 553 -8.25 -3.71 28.06
N ILE D 554 -9.22 -3.26 28.86
CA ILE D 554 -10.44 -4.12 29.10
C ILE D 554 -11.05 -4.63 27.83
N VAL D 555 -11.40 -3.68 26.95
CA VAL D 555 -12.16 -3.91 25.68
C VAL D 555 -11.49 -4.94 24.82
N VAL D 556 -10.21 -4.73 24.48
CA VAL D 556 -9.47 -5.76 23.71
C VAL D 556 -9.33 -7.12 24.42
N ALA D 557 -9.01 -7.09 25.73
CA ALA D 557 -8.98 -8.29 26.56
C ALA D 557 -10.27 -9.09 26.46
N SER D 558 -11.41 -8.41 26.57
CA SER D 558 -12.67 -9.12 26.60
C SER D 558 -13.10 -9.68 25.25
N HIS D 559 -12.80 -8.95 24.18
CA HIS D 559 -13.09 -9.48 22.84
C HIS D 559 -12.23 -10.68 22.61
N VAL D 560 -10.95 -10.61 22.97
CA VAL D 560 -10.03 -11.73 22.70
C VAL D 560 -10.48 -12.92 23.48
N HIS D 561 -10.79 -12.69 24.76
CA HIS D 561 -11.37 -13.72 25.63
C HIS D 561 -12.68 -14.32 25.19
N ASN D 562 -13.70 -13.51 24.90
CA ASN D 562 -14.97 -14.07 24.46
C ASN D 562 -14.78 -14.91 23.18
N PHE D 563 -13.91 -14.43 22.29
CA PHE D 563 -13.75 -15.05 20.96
C PHE D 563 -13.20 -16.46 21.13
N PHE D 564 -12.15 -16.59 21.92
CA PHE D 564 -11.53 -17.89 22.07
C PHE D 564 -12.35 -18.81 22.94
N ALA D 565 -13.33 -18.24 23.63
CA ALA D 565 -14.24 -18.97 24.54
C ALA D 565 -15.36 -19.73 23.82
N GLU D 566 -15.72 -19.30 22.60
CA GLU D 566 -16.88 -19.80 21.85
C GLU D 566 -16.50 -20.95 20.90
N GLU D 567 -17.06 -22.15 21.11
CA GLU D 567 -16.60 -23.35 20.39
C GLU D 567 -16.58 -23.14 18.87
N SER D 568 -17.61 -22.52 18.30
CA SER D 568 -17.58 -22.28 16.86
C SER D 568 -16.21 -21.72 16.50
N ASN D 569 -15.80 -20.63 17.15
CA ASN D 569 -14.50 -20.02 16.85
C ASN D 569 -13.32 -20.98 17.00
N ARG D 570 -13.27 -21.81 18.04
CA ARG D 570 -12.18 -22.81 18.15
C ARG D 570 -12.17 -23.77 16.96
N ASN D 571 -13.35 -24.18 16.52
CA ASN D 571 -13.46 -25.07 15.34
C ASN D 571 -13.04 -24.45 14.00
N VAL D 572 -13.45 -23.21 13.73
CA VAL D 572 -12.89 -22.47 12.60
C VAL D 572 -11.38 -22.70 12.54
N ILE D 573 -10.76 -22.52 13.70
CA ILE D 573 -9.29 -22.53 13.76
C ILE D 573 -8.76 -23.95 13.67
N SER D 574 -9.34 -24.88 14.42
CA SER D 574 -8.84 -26.26 14.36
C SER D 574 -9.00 -26.75 12.93
N GLU D 575 -10.00 -26.24 12.23
CA GLU D 575 -10.26 -26.65 10.83
C GLU D 575 -9.23 -26.10 9.88
N LEU D 576 -8.80 -24.87 10.11
CA LEU D 576 -7.85 -24.17 9.22
C LEU D 576 -6.53 -24.82 9.45
N LEU D 577 -6.34 -25.25 10.70
CA LEU D 577 -5.12 -25.98 11.07
C LEU D 577 -5.06 -27.35 10.37
N ALA D 578 -6.20 -28.01 10.29
CA ALA D 578 -6.27 -29.30 9.62
C ALA D 578 -6.19 -29.17 8.08
N GLU D 579 -6.65 -28.05 7.51
CA GLU D 579 -6.49 -27.78 6.08
C GLU D 579 -5.03 -27.47 5.78
N GLY D 580 -4.19 -27.35 6.80
CA GLY D 580 -2.73 -27.31 6.62
C GLY D 580 -2.07 -25.96 6.83
N VAL D 581 -2.84 -24.99 7.36
CA VAL D 581 -2.36 -23.64 7.60
C VAL D 581 -1.38 -23.80 8.77
N HIS D 582 -0.22 -23.14 8.65
CA HIS D 582 0.83 -23.21 9.67
C HIS D 582 1.71 -21.96 9.62
N TRP D 583 2.53 -21.81 10.66
CA TRP D 583 3.54 -20.72 10.77
C TRP D 583 4.68 -21.22 11.58
N PRO D 584 5.78 -20.47 11.67
CA PRO D 584 6.91 -21.05 12.42
C PRO D 584 6.72 -21.09 13.93
N ALA D 585 7.07 -22.22 14.55
CA ALA D 585 7.23 -22.29 16.02
C ALA D 585 8.24 -21.19 16.41
N PRO D 586 7.91 -20.35 17.44
CA PRO D 586 8.72 -19.20 17.85
C PRO D 586 9.72 -19.59 18.91
#